data_1FNC
#
_entry.id   1FNC
#
_cell.length_a   90.700
_cell.length_b   57.700
_cell.length_c   68.100
_cell.angle_alpha   90.00
_cell.angle_beta   100.00
_cell.angle_gamma   90.00
#
_symmetry.space_group_name_H-M   'C 1 2 1'
#
loop_
_entity.id
_entity.type
_entity.pdbx_description
1 polymer 'FERREDOXIN-NADP+ REDUCTASE'
2 non-polymer 'SULFATE ION'
3 non-polymer 'DIHYDROFLAVINE-ADENINE DINUCLEOTIDE'
4 non-polymer "ADENOSINE-2'-5'-DIPHOSPHATE"
5 water water
#
_entity_poly.entity_id   1
_entity_poly.type   'polypeptide(L)'
_entity_poly.pdbx_seq_one_letter_code
;QIASDVEAPPPAPAKVEKHSKKMEEGITVNKFKPKTPYVGRCLLNTKITGDDAPGETWHMVFSHEGEIPYREGQSVGVIP
DGEDKNGKPHKLRLYSIASSALGDFGDAKSVSLCVKRLIYTNDAGETIKGVCSNFLCDLKPGAEVKLTGPVGKEMLMPKD
PNATIIMLGTGTGIAPFRSFLWKMFFEKHDDYKFNGLAWLFLGVPTSSSLLYKEEFEKMKEKAPDNFRLDFAVSREQTNE
KGEKMYIQTRMAQYAVELWEMLKKDNTYVYMCGLKGMEKGIDDIMVSLAAAEGIDWIEYKRQLKKAEQWNVEVY
;
_entity_poly.pdbx_strand_id   A
#
loop_
_chem_comp.id
_chem_comp.type
_chem_comp.name
_chem_comp.formula
A2P non-polymer ADENOSINE-2'-5'-DIPHOSPHATE 'C10 H15 N5 O10 P2'
FDA non-polymer 'DIHYDROFLAVINE-ADENINE DINUCLEOTIDE' 'C27 H35 N9 O15 P2'
SO4 non-polymer 'SULFATE ION' 'O4 S -2'
#
# COMPACT_ATOMS: atom_id res chain seq x y z
N HIS A 19 21.03 14.14 3.40
CA HIS A 19 20.67 14.10 1.98
C HIS A 19 19.24 13.69 1.71
N SER A 20 18.85 12.50 2.17
CA SER A 20 17.51 12.07 1.87
C SER A 20 16.48 12.84 2.70
N LYS A 21 15.34 13.06 2.07
CA LYS A 21 14.20 13.63 2.73
C LYS A 21 13.37 12.54 3.44
N LYS A 22 13.76 11.28 3.24
CA LYS A 22 13.04 10.16 3.78
C LYS A 22 13.77 9.49 4.87
N MET A 23 13.05 8.72 5.65
CA MET A 23 13.56 8.00 6.81
C MET A 23 14.39 6.79 6.43
N GLU A 24 15.47 7.10 5.79
CA GLU A 24 16.32 6.13 5.20
C GLU A 24 17.47 5.65 6.09
N GLU A 25 17.71 6.35 7.18
CA GLU A 25 18.83 6.03 8.01
C GLU A 25 18.64 4.81 8.92
N GLY A 26 19.66 3.91 8.84
CA GLY A 26 19.68 2.69 9.61
C GLY A 26 18.66 1.62 9.20
N ILE A 27 18.17 1.64 7.92
CA ILE A 27 17.22 0.66 7.45
C ILE A 27 17.91 -0.68 7.20
N THR A 28 17.14 -1.77 7.27
CA THR A 28 17.71 -3.09 6.99
C THR A 28 17.20 -3.55 5.66
N VAL A 29 18.01 -4.23 4.92
CA VAL A 29 17.59 -4.67 3.62
C VAL A 29 18.14 -6.05 3.37
N ASN A 30 17.31 -7.00 3.00
CA ASN A 30 17.83 -8.31 2.74
C ASN A 30 18.63 -8.95 3.84
N LYS A 31 18.18 -8.72 5.09
CA LYS A 31 18.69 -9.45 6.18
C LYS A 31 18.54 -10.91 5.79
N PHE A 32 17.34 -11.31 5.23
CA PHE A 32 17.01 -12.67 4.82
C PHE A 32 16.87 -12.73 3.31
N LYS A 33 17.47 -13.76 2.72
CA LYS A 33 17.44 -13.95 1.29
C LYS A 33 16.78 -15.24 0.94
N PRO A 34 16.39 -15.31 -0.29
CA PRO A 34 15.79 -16.50 -0.82
C PRO A 34 16.56 -17.79 -0.51
N LYS A 35 17.90 -17.78 -0.56
CA LYS A 35 18.58 -19.03 -0.31
C LYS A 35 18.51 -19.31 1.14
N THR A 36 18.17 -18.28 1.91
CA THR A 36 18.12 -18.52 3.35
C THR A 36 17.05 -17.69 4.05
N PRO A 37 15.84 -18.04 3.82
CA PRO A 37 14.72 -17.28 4.32
C PRO A 37 14.53 -17.39 5.84
N TYR A 38 13.70 -16.49 6.37
CA TYR A 38 13.36 -16.54 7.74
C TYR A 38 12.09 -17.38 7.76
N VAL A 39 11.97 -18.38 8.66
CA VAL A 39 10.75 -19.16 8.69
C VAL A 39 9.84 -18.77 9.81
N GLY A 40 8.75 -18.08 9.51
CA GLY A 40 7.83 -17.64 10.56
C GLY A 40 6.54 -18.45 10.49
N ARG A 41 5.59 -18.14 11.39
CA ARG A 41 4.36 -18.91 11.46
C ARG A 41 3.13 -18.00 11.35
N CYS A 42 2.06 -18.53 10.75
CA CYS A 42 0.87 -17.82 10.71
C CYS A 42 0.20 -17.75 12.09
N LEU A 43 -0.24 -16.51 12.49
CA LEU A 43 -0.98 -16.27 13.70
C LEU A 43 -2.43 -16.19 13.45
N LEU A 44 -2.79 -15.34 12.47
CA LEU A 44 -4.17 -15.12 12.02
C LEU A 44 -4.22 -14.89 10.52
N ASN A 45 -5.36 -15.25 9.97
CA ASN A 45 -5.62 -15.15 8.54
C ASN A 45 -7.11 -14.94 8.46
N THR A 46 -7.53 -13.75 8.14
CA THR A 46 -8.95 -13.45 8.11
C THR A 46 -9.41 -12.85 6.78
N LYS A 47 -10.56 -13.25 6.23
CA LYS A 47 -11.08 -12.64 5.02
C LYS A 47 -11.65 -11.23 5.32
N ILE A 48 -11.10 -10.23 4.70
CA ILE A 48 -11.58 -8.87 5.01
C ILE A 48 -12.56 -8.28 4.00
N THR A 49 -12.88 -9.01 2.92
CA THR A 49 -13.86 -8.45 2.04
C THR A 49 -15.21 -9.20 2.24
N GLY A 50 -16.31 -8.60 1.78
CA GLY A 50 -17.63 -9.23 1.95
C GLY A 50 -17.89 -10.25 0.86
N ASP A 51 -18.87 -11.11 1.08
CA ASP A 51 -19.17 -12.13 0.07
C ASP A 51 -19.57 -11.53 -1.28
N ASP A 52 -20.17 -10.38 -1.15
CA ASP A 52 -20.50 -9.57 -2.28
C ASP A 52 -19.28 -9.35 -3.22
N ALA A 53 -18.15 -8.86 -2.67
CA ALA A 53 -16.98 -8.48 -3.45
C ALA A 53 -16.55 -9.40 -4.59
N PRO A 54 -15.90 -8.79 -5.55
CA PRO A 54 -15.34 -9.45 -6.72
C PRO A 54 -13.94 -9.90 -6.37
N GLY A 55 -13.87 -11.10 -5.89
CA GLY A 55 -12.58 -11.58 -5.45
C GLY A 55 -12.44 -11.41 -3.93
N GLU A 56 -11.44 -12.08 -3.37
CA GLU A 56 -11.23 -12.05 -1.96
C GLU A 56 -9.91 -11.40 -1.61
N THR A 57 -9.98 -10.67 -0.49
CA THR A 57 -8.81 -10.04 0.10
C THR A 57 -8.75 -10.47 1.58
N TRP A 58 -7.55 -10.87 1.97
CA TRP A 58 -7.26 -11.43 3.23
C TRP A 58 -6.20 -10.62 3.93
N HIS A 59 -6.39 -10.50 5.24
CA HIS A 59 -5.37 -9.82 6.07
C HIS A 59 -4.70 -10.90 6.89
N MET A 60 -3.42 -11.11 6.80
CA MET A 60 -2.92 -12.21 7.61
C MET A 60 -1.70 -11.70 8.39
N VAL A 61 -1.44 -12.34 9.54
CA VAL A 61 -0.35 -11.85 10.40
C VAL A 61 0.59 -13.00 10.75
N PHE A 62 1.85 -12.74 10.63
CA PHE A 62 2.84 -13.77 10.89
C PHE A 62 3.79 -13.36 12.01
N SER A 63 4.26 -14.35 12.79
CA SER A 63 5.26 -14.13 13.82
C SER A 63 6.66 -14.10 13.23
N HIS A 64 7.55 -13.20 13.68
CA HIS A 64 8.89 -13.14 13.15
C HIS A 64 9.83 -12.95 14.28
N GLU A 65 9.20 -12.91 15.46
CA GLU A 65 9.85 -12.74 16.73
C GLU A 65 10.83 -11.62 16.71
N GLY A 66 10.62 -10.54 16.00
CA GLY A 66 11.64 -9.49 16.10
C GLY A 66 12.83 -9.69 15.16
N GLU A 67 12.85 -10.80 14.38
CA GLU A 67 14.01 -11.04 13.48
C GLU A 67 13.99 -10.24 12.21
N ILE A 68 12.82 -9.70 11.86
CA ILE A 68 12.78 -8.92 10.65
C ILE A 68 12.55 -7.48 11.06
N PRO A 69 13.60 -6.72 11.10
CA PRO A 69 13.53 -5.35 11.51
C PRO A 69 13.09 -4.36 10.37
N TYR A 70 11.85 -4.45 9.94
CA TYR A 70 11.44 -3.58 8.86
C TYR A 70 10.99 -2.17 9.32
N ARG A 71 10.80 -1.26 8.36
CA ARG A 71 10.26 0.09 8.57
C ARG A 71 9.01 0.25 7.66
N GLU A 72 8.06 1.15 8.02
CA GLU A 72 6.83 1.41 7.27
C GLU A 72 7.17 1.74 5.80
N GLY A 73 6.53 1.12 4.81
CA GLY A 73 6.82 1.44 3.39
C GLY A 73 7.65 0.26 2.76
N GLN A 74 8.31 -0.59 3.58
CA GLN A 74 9.02 -1.73 3.00
C GLN A 74 8.12 -2.87 2.56
N SER A 75 8.74 -3.85 1.89
CA SER A 75 8.02 -5.09 1.48
C SER A 75 8.78 -6.31 2.02
N VAL A 76 8.14 -7.51 2.06
CA VAL A 76 8.87 -8.75 2.34
C VAL A 76 8.68 -9.66 1.12
N GLY A 77 9.56 -10.63 0.90
CA GLY A 77 9.29 -11.61 -0.12
C GLY A 77 8.67 -12.84 0.54
N VAL A 78 7.77 -13.51 -0.14
CA VAL A 78 7.24 -14.76 0.34
C VAL A 78 7.67 -15.88 -0.68
N ILE A 79 8.26 -16.99 -0.24
CA ILE A 79 8.56 -18.15 -1.09
C ILE A 79 7.47 -19.19 -0.84
N PRO A 80 6.52 -19.30 -1.76
CA PRO A 80 5.44 -20.23 -1.52
C PRO A 80 6.02 -21.66 -1.51
N ASP A 81 5.40 -22.54 -0.75
CA ASP A 81 5.82 -23.96 -0.66
C ASP A 81 5.58 -24.71 -1.98
N GLY A 82 6.43 -25.71 -2.28
CA GLY A 82 6.39 -26.55 -3.48
C GLY A 82 7.55 -26.29 -4.47
N GLU A 83 7.47 -26.86 -5.68
CA GLU A 83 8.53 -26.60 -6.62
C GLU A 83 7.97 -26.14 -7.91
N ASP A 84 8.79 -25.46 -8.64
CA ASP A 84 8.36 -25.09 -9.93
C ASP A 84 8.40 -26.34 -10.83
N LYS A 85 8.09 -26.14 -12.09
CA LYS A 85 8.03 -27.24 -13.02
C LYS A 85 9.37 -27.93 -13.25
N ASN A 86 10.47 -27.28 -12.85
CA ASN A 86 11.78 -27.87 -12.92
C ASN A 86 12.22 -28.41 -11.63
N GLY A 87 11.30 -28.67 -10.72
CA GLY A 87 11.71 -29.23 -9.44
C GLY A 87 12.50 -28.27 -8.57
N LYS A 88 12.37 -26.99 -8.86
CA LYS A 88 13.00 -25.95 -8.05
C LYS A 88 11.98 -25.26 -7.18
N PRO A 89 12.49 -24.64 -6.13
CA PRO A 89 11.64 -23.83 -5.30
C PRO A 89 11.08 -22.63 -6.13
N HIS A 90 9.85 -22.28 -5.84
CA HIS A 90 9.16 -21.19 -6.48
C HIS A 90 9.93 -19.94 -6.29
N LYS A 91 9.73 -19.03 -7.24
CA LYS A 91 10.34 -17.72 -7.16
C LYS A 91 9.63 -16.96 -6.04
N LEU A 92 10.34 -16.01 -5.40
CA LEU A 92 9.65 -15.21 -4.43
C LEU A 92 8.68 -14.27 -5.10
N ARG A 93 7.59 -14.01 -4.39
CA ARG A 93 6.70 -12.89 -4.72
C ARG A 93 6.86 -11.80 -3.64
N LEU A 94 6.85 -10.52 -4.03
CA LEU A 94 6.89 -9.42 -3.05
C LEU A 94 5.52 -9.00 -2.57
N TYR A 95 5.47 -8.61 -1.28
CA TYR A 95 4.23 -8.10 -0.67
C TYR A 95 4.54 -6.88 0.14
N SER A 96 3.72 -5.83 0.00
CA SER A 96 4.01 -4.65 0.82
C SER A 96 3.62 -4.94 2.26
N ILE A 97 4.40 -4.48 3.20
CA ILE A 97 4.01 -4.71 4.58
C ILE A 97 2.82 -3.77 4.91
N ALA A 98 1.72 -4.33 5.47
CA ALA A 98 0.48 -3.69 5.87
C ALA A 98 0.43 -3.29 7.33
N SER A 99 1.48 -3.62 8.11
CA SER A 99 1.50 -3.27 9.53
C SER A 99 2.61 -2.27 9.73
N SER A 100 2.48 -1.38 10.76
CA SER A 100 3.58 -0.49 11.12
C SER A 100 4.75 -1.35 11.74
N ALA A 101 5.91 -0.73 11.93
CA ALA A 101 7.08 -1.39 12.48
C ALA A 101 6.76 -2.08 13.81
N LEU A 102 5.88 -1.48 14.63
CA LEU A 102 5.49 -2.17 15.89
C LEU A 102 4.54 -3.34 15.65
N GLY A 103 3.72 -3.23 14.60
CA GLY A 103 2.87 -4.34 14.35
C GLY A 103 1.52 -4.20 14.94
N ASP A 104 0.62 -5.05 14.48
CA ASP A 104 -0.74 -4.97 14.91
C ASP A 104 -0.87 -5.27 16.42
N PHE A 105 0.15 -5.87 17.05
CA PHE A 105 0.02 -6.19 18.47
C PHE A 105 0.84 -5.27 19.32
N GLY A 106 1.54 -4.39 18.63
CA GLY A 106 2.35 -3.34 19.23
C GLY A 106 3.64 -3.76 19.93
N ASP A 107 4.20 -4.90 19.58
CA ASP A 107 5.37 -5.45 20.26
C ASP A 107 6.49 -5.69 19.30
N ALA A 108 6.30 -5.26 18.05
CA ALA A 108 7.41 -5.40 17.09
C ALA A 108 7.83 -6.83 16.79
N LYS A 109 6.92 -7.81 17.02
CA LYS A 109 7.32 -9.21 16.75
C LYS A 109 6.49 -9.87 15.68
N SER A 110 5.53 -9.10 15.09
CA SER A 110 4.71 -9.64 14.03
C SER A 110 4.77 -8.75 12.74
N VAL A 111 4.26 -9.34 11.62
CA VAL A 111 4.18 -8.66 10.29
C VAL A 111 2.85 -9.05 9.58
N SER A 112 2.15 -8.08 8.99
CA SER A 112 0.87 -8.34 8.40
C SER A 112 0.90 -8.04 6.90
N LEU A 113 0.17 -8.81 6.13
CA LEU A 113 0.08 -8.70 4.68
C LEU A 113 -1.40 -8.55 4.33
N CYS A 114 -1.58 -7.96 3.16
CA CYS A 114 -2.91 -7.73 2.64
C CYS A 114 -2.89 -8.36 1.27
N VAL A 115 -3.54 -9.44 1.11
CA VAL A 115 -3.34 -10.17 -0.12
C VAL A 115 -4.59 -10.51 -0.90
N LYS A 116 -4.61 -10.20 -2.20
CA LYS A 116 -5.77 -10.59 -2.98
C LYS A 116 -5.53 -12.03 -3.54
N ARG A 117 -6.57 -12.88 -3.49
CA ARG A 117 -6.51 -14.23 -4.02
C ARG A 117 -6.55 -14.11 -5.55
N LEU A 118 -5.55 -14.59 -6.24
CA LEU A 118 -5.58 -14.40 -7.68
C LEU A 118 -6.19 -15.64 -8.37
N ILE A 119 -7.26 -15.40 -9.11
CA ILE A 119 -7.86 -16.48 -9.92
C ILE A 119 -8.15 -16.02 -11.32
N TYR A 120 -7.66 -16.78 -12.29
CA TYR A 120 -7.88 -16.53 -13.71
C TYR A 120 -8.10 -17.83 -14.54
N THR A 121 -8.49 -17.65 -15.81
CA THR A 121 -8.73 -18.68 -16.81
C THR A 121 -7.65 -18.51 -17.87
N ASN A 122 -7.04 -19.63 -18.23
CA ASN A 122 -5.99 -19.54 -19.19
C ASN A 122 -6.60 -19.50 -20.55
N ASP A 123 -5.73 -19.71 -21.53
CA ASP A 123 -6.06 -19.75 -22.94
C ASP A 123 -7.14 -20.80 -23.26
N ALA A 124 -7.21 -21.87 -22.50
CA ALA A 124 -8.12 -22.93 -22.81
C ALA A 124 -9.37 -22.91 -22.01
N GLY A 125 -9.63 -21.77 -21.38
CA GLY A 125 -10.84 -21.67 -20.59
C GLY A 125 -10.72 -22.37 -19.24
N GLU A 126 -9.50 -22.82 -18.94
CA GLU A 126 -9.23 -23.51 -17.69
C GLU A 126 -8.99 -22.47 -16.57
N THR A 127 -9.53 -22.75 -15.37
CA THR A 127 -9.33 -21.82 -14.25
C THR A 127 -8.00 -22.03 -13.60
N ILE A 128 -7.22 -20.99 -13.48
CA ILE A 128 -5.91 -21.06 -12.88
C ILE A 128 -5.87 -20.23 -11.64
N LYS A 129 -5.24 -20.78 -10.60
CA LYS A 129 -5.08 -20.09 -9.31
C LYS A 129 -3.70 -19.49 -9.23
N GLY A 130 -3.53 -18.24 -8.80
CA GLY A 130 -2.15 -17.75 -8.67
C GLY A 130 -1.42 -18.53 -7.53
N VAL A 131 -0.18 -18.88 -7.78
CA VAL A 131 0.61 -19.71 -6.85
C VAL A 131 0.73 -19.15 -5.42
N CYS A 132 1.40 -18.01 -5.29
CA CYS A 132 1.62 -17.46 -3.98
C CYS A 132 0.37 -16.96 -3.33
N SER A 133 -0.45 -16.27 -4.11
CA SER A 133 -1.66 -15.72 -3.55
C SER A 133 -2.59 -16.75 -2.91
N ASN A 134 -2.79 -17.88 -3.59
CA ASN A 134 -3.66 -18.91 -3.00
C ASN A 134 -2.99 -19.70 -1.83
N PHE A 135 -1.70 -19.87 -1.95
CA PHE A 135 -0.93 -20.48 -0.86
C PHE A 135 -1.14 -19.61 0.38
N LEU A 136 -0.88 -18.29 0.23
CA LEU A 136 -1.08 -17.39 1.37
C LEU A 136 -2.53 -17.34 1.84
N CYS A 137 -3.51 -17.11 0.93
CA CYS A 137 -4.92 -17.01 1.42
C CYS A 137 -5.48 -18.24 2.10
N ASP A 138 -4.81 -19.36 1.87
CA ASP A 138 -5.27 -20.64 2.42
C ASP A 138 -4.57 -20.98 3.75
N LEU A 139 -3.59 -20.17 4.17
CA LEU A 139 -2.85 -20.42 5.40
C LEU A 139 -3.71 -20.56 6.64
N LYS A 140 -3.34 -21.49 7.51
CA LYS A 140 -4.07 -21.67 8.77
C LYS A 140 -3.12 -21.29 9.95
N PRO A 141 -3.64 -20.76 11.08
CA PRO A 141 -2.78 -20.39 12.19
C PRO A 141 -1.92 -21.58 12.56
N GLY A 142 -0.64 -21.39 12.65
CA GLY A 142 0.25 -22.49 12.93
C GLY A 142 1.06 -22.88 11.74
N ALA A 143 0.58 -22.55 10.57
CA ALA A 143 1.38 -22.91 9.44
C ALA A 143 2.64 -22.08 9.33
N GLU A 144 3.69 -22.68 8.76
CA GLU A 144 4.94 -21.96 8.56
C GLU A 144 5.01 -21.30 7.23
N VAL A 145 5.84 -20.29 7.16
CA VAL A 145 6.00 -19.54 5.93
C VAL A 145 7.38 -18.99 5.85
N LYS A 146 7.93 -19.01 4.64
CA LYS A 146 9.27 -18.54 4.33
C LYS A 146 9.25 -17.13 3.79
N LEU A 147 10.02 -16.28 4.45
CA LEU A 147 10.04 -14.88 4.15
C LEU A 147 11.43 -14.43 3.97
N THR A 148 11.58 -13.37 3.17
CA THR A 148 12.89 -12.70 2.87
C THR A 148 12.78 -11.20 2.99
N GLY A 149 13.90 -10.51 2.95
CA GLY A 149 13.79 -9.09 3.04
C GLY A 149 14.36 -8.59 4.35
N PRO A 150 14.01 -7.40 4.77
CA PRO A 150 13.02 -6.51 4.14
C PRO A 150 13.58 -5.90 2.84
N VAL A 151 12.73 -5.37 1.99
CA VAL A 151 13.15 -4.78 0.74
C VAL A 151 12.53 -3.40 0.56
N GLY A 152 13.23 -2.52 -0.15
CA GLY A 152 12.66 -1.22 -0.51
C GLY A 152 13.18 -0.03 0.24
N LYS A 153 13.25 1.05 -0.51
CA LYS A 153 13.50 2.36 0.01
C LYS A 153 12.51 3.36 -0.60
N GLU A 154 11.93 3.05 -1.74
CA GLU A 154 11.05 3.98 -2.43
C GLU A 154 9.89 4.56 -1.61
N MET A 155 9.22 3.70 -0.85
CA MET A 155 8.04 4.01 -0.14
C MET A 155 8.25 4.36 1.32
N LEU A 156 9.49 4.76 1.66
CA LEU A 156 9.65 5.12 3.06
C LEU A 156 9.04 6.49 3.35
N MET A 157 8.63 6.72 4.62
CA MET A 157 8.02 7.98 4.97
C MET A 157 9.07 9.10 4.98
N PRO A 158 8.56 10.27 4.77
CA PRO A 158 9.36 11.47 4.88
C PRO A 158 9.80 11.71 6.33
N LYS A 159 10.94 12.34 6.48
CA LYS A 159 11.43 12.63 7.81
C LYS A 159 10.59 13.73 8.42
N ASP A 160 10.08 14.70 7.58
CA ASP A 160 9.28 15.84 8.13
C ASP A 160 7.97 15.51 8.84
N PRO A 161 7.91 15.69 10.17
CA PRO A 161 6.71 15.30 10.89
C PRO A 161 5.60 16.26 10.57
N ASN A 162 5.90 17.39 9.93
CA ASN A 162 4.81 18.29 9.57
C ASN A 162 4.44 18.26 8.07
N ALA A 163 4.88 17.25 7.32
CA ALA A 163 4.62 17.13 5.90
C ALA A 163 3.16 16.95 5.56
N THR A 164 2.83 17.37 4.31
CA THR A 164 1.52 17.01 3.76
C THR A 164 1.84 15.75 2.98
N ILE A 165 1.08 14.70 3.26
CA ILE A 165 1.33 13.41 2.61
C ILE A 165 0.11 12.97 1.91
N ILE A 166 0.15 12.87 0.59
CA ILE A 166 -1.02 12.37 -0.13
C ILE A 166 -0.76 10.94 -0.54
N MET A 167 -1.73 10.09 -0.28
CA MET A 167 -1.65 8.66 -0.45
C MET A 167 -2.70 8.24 -1.45
N LEU A 168 -2.23 7.65 -2.56
CA LEU A 168 -3.13 7.22 -3.64
C LEU A 168 -3.03 5.74 -3.79
N GLY A 169 -4.06 4.99 -3.34
CA GLY A 169 -3.93 3.53 -3.43
C GLY A 169 -5.13 2.91 -4.14
N THR A 170 -4.90 1.76 -4.80
CA THR A 170 -5.96 0.96 -5.36
C THR A 170 -5.84 -0.43 -4.77
N GLY A 171 -6.98 -0.98 -4.31
CA GLY A 171 -7.04 -2.33 -3.74
C GLY A 171 -5.97 -2.57 -2.66
N THR A 172 -5.19 -3.61 -2.86
CA THR A 172 -4.14 -4.02 -1.91
C THR A 172 -3.10 -2.96 -1.80
N GLY A 173 -3.19 -1.98 -2.67
CA GLY A 173 -2.16 -0.98 -2.62
C GLY A 173 -2.39 -0.10 -1.40
N ILE A 174 -3.47 -0.36 -0.66
CA ILE A 174 -3.66 0.41 0.60
C ILE A 174 -2.57 -0.02 1.62
N ALA A 175 -1.96 -1.22 1.42
CA ALA A 175 -1.04 -1.79 2.44
C ALA A 175 0.00 -0.87 3.09
N PRO A 176 0.90 -0.23 2.28
CA PRO A 176 1.87 0.64 2.92
C PRO A 176 1.22 1.83 3.64
N PHE A 177 0.04 2.25 3.16
CA PHE A 177 -0.57 3.41 3.75
C PHE A 177 -1.13 3.05 5.10
N ARG A 178 -1.59 1.84 5.18
CA ARG A 178 -2.02 1.37 6.46
C ARG A 178 -0.85 1.40 7.45
N SER A 179 0.31 1.04 6.94
CA SER A 179 1.53 1.02 7.67
C SER A 179 1.83 2.43 8.16
N PHE A 180 1.83 3.38 7.28
CA PHE A 180 2.13 4.73 7.67
C PHE A 180 1.23 5.23 8.77
N LEU A 181 -0.05 5.06 8.49
CA LEU A 181 -1.17 5.62 9.30
C LEU A 181 -1.23 5.03 10.71
N TRP A 182 -0.94 3.73 10.85
CA TRP A 182 -0.87 3.14 12.18
C TRP A 182 0.22 3.84 12.99
N LYS A 183 1.33 4.11 12.33
CA LYS A 183 2.41 4.81 13.04
C LYS A 183 2.07 6.22 13.47
N MET A 184 1.46 6.92 12.51
CA MET A 184 1.02 8.30 12.62
C MET A 184 -0.08 8.53 13.61
N PHE A 185 -1.10 7.68 13.63
CA PHE A 185 -2.25 7.97 14.43
C PHE A 185 -2.56 6.93 15.48
N PHE A 186 -2.00 5.73 15.50
CA PHE A 186 -2.43 4.79 16.54
C PHE A 186 -1.31 4.51 17.52
N GLU A 187 -0.17 5.16 17.33
CA GLU A 187 0.99 4.88 18.17
C GLU A 187 1.59 6.12 18.80
N LYS A 188 2.26 5.96 19.97
CA LYS A 188 3.08 7.00 20.63
C LYS A 188 4.56 6.72 20.45
N HIS A 189 5.32 7.64 19.88
CA HIS A 189 6.72 7.46 19.63
C HIS A 189 7.51 8.55 20.29
N ASP A 190 8.63 8.17 20.86
CA ASP A 190 9.52 9.09 21.56
C ASP A 190 9.99 10.21 20.63
N ASP A 191 10.40 9.86 19.43
CA ASP A 191 10.93 10.87 18.56
C ASP A 191 10.07 11.20 17.37
N TYR A 192 8.79 10.89 17.40
CA TYR A 192 8.02 11.20 16.22
C TYR A 192 6.60 11.51 16.59
N LYS A 193 6.20 12.64 16.13
CA LYS A 193 4.86 13.12 16.35
C LYS A 193 4.39 13.81 15.09
N PHE A 194 3.46 13.15 14.41
CA PHE A 194 2.90 13.70 13.17
C PHE A 194 1.96 14.87 13.42
N ASN A 195 2.19 15.93 12.70
CA ASN A 195 1.31 17.10 12.79
C ASN A 195 0.95 17.67 11.41
N GLY A 196 1.16 16.95 10.34
CA GLY A 196 0.92 17.51 9.04
C GLY A 196 -0.50 17.24 8.64
N LEU A 197 -0.69 17.10 7.35
CA LEU A 197 -1.99 16.73 6.82
C LEU A 197 -1.74 15.45 6.01
N ALA A 198 -2.50 14.39 6.27
CA ALA A 198 -2.46 13.13 5.58
C ALA A 198 -3.77 12.99 4.84
N TRP A 199 -3.69 12.71 3.54
CA TRP A 199 -4.92 12.65 2.80
C TRP A 199 -4.86 11.35 2.06
N LEU A 200 -5.81 10.48 2.32
CA LEU A 200 -5.80 9.23 1.66
C LEU A 200 -6.92 9.16 0.62
N PHE A 201 -6.64 8.61 -0.55
CA PHE A 201 -7.67 8.29 -1.56
C PHE A 201 -7.53 6.82 -1.79
N LEU A 202 -8.63 6.11 -1.71
CA LEU A 202 -8.59 4.68 -1.89
C LEU A 202 -9.64 4.23 -2.91
N GLY A 203 -9.15 3.57 -3.97
CA GLY A 203 -9.98 3.03 -5.03
C GLY A 203 -10.25 1.52 -4.86
N VAL A 204 -11.50 1.14 -4.61
CA VAL A 204 -11.92 -0.27 -4.51
C VAL A 204 -13.24 -0.44 -5.31
N PRO A 205 -13.64 -1.67 -5.68
CA PRO A 205 -14.82 -1.92 -6.53
C PRO A 205 -16.17 -1.80 -5.86
N THR A 206 -16.26 -2.25 -4.59
CA THR A 206 -17.54 -2.24 -3.92
C THR A 206 -17.41 -1.90 -2.46
N SER A 207 -18.54 -1.58 -1.88
CA SER A 207 -18.62 -1.23 -0.50
C SER A 207 -18.21 -2.39 0.38
N SER A 208 -18.33 -3.56 -0.15
CA SER A 208 -17.94 -4.71 0.62
C SER A 208 -16.47 -4.96 0.47
N SER A 209 -15.78 -4.08 -0.32
CA SER A 209 -14.32 -4.12 -0.52
C SER A 209 -13.60 -2.87 0.09
N LEU A 210 -14.28 -2.15 1.01
CA LEU A 210 -13.60 -0.96 1.56
C LEU A 210 -12.62 -1.40 2.68
N LEU A 211 -11.38 -1.78 2.27
CA LEU A 211 -10.37 -2.36 3.14
C LEU A 211 -10.01 -1.44 4.35
N TYR A 212 -10.05 -1.96 5.57
CA TYR A 212 -9.64 -1.24 6.77
C TYR A 212 -10.39 0.07 7.05
N LYS A 213 -11.57 0.18 6.43
CA LYS A 213 -12.41 1.37 6.65
C LYS A 213 -12.66 1.69 8.11
N GLU A 214 -13.01 0.67 8.89
CA GLU A 214 -13.26 0.88 10.32
C GLU A 214 -12.08 1.48 11.08
N GLU A 215 -10.88 1.14 10.67
CA GLU A 215 -9.65 1.65 11.27
C GLU A 215 -9.50 3.09 10.85
N PHE A 216 -9.75 3.38 9.56
CA PHE A 216 -9.55 4.75 9.07
C PHE A 216 -10.57 5.70 9.71
N GLU A 217 -11.80 5.20 9.95
CA GLU A 217 -12.84 6.01 10.54
C GLU A 217 -12.47 6.42 12.00
N LYS A 218 -11.80 5.52 12.73
CA LYS A 218 -11.28 5.76 14.07
C LYS A 218 -10.16 6.77 14.03
N MET A 219 -9.29 6.72 13.03
CA MET A 219 -8.23 7.73 12.92
C MET A 219 -8.77 9.14 12.68
N LYS A 220 -9.78 9.16 11.85
CA LYS A 220 -10.41 10.40 11.42
C LYS A 220 -11.05 11.10 12.64
N GLU A 221 -11.69 10.28 13.46
CA GLU A 221 -12.19 10.82 14.69
C GLU A 221 -11.09 11.34 15.58
N LYS A 222 -9.96 10.65 15.71
CA LYS A 222 -8.85 11.09 16.58
C LYS A 222 -8.20 12.38 16.13
N ALA A 223 -7.95 12.48 14.82
CA ALA A 223 -7.18 13.60 14.26
C ALA A 223 -7.95 14.25 13.12
N PRO A 224 -9.06 14.85 13.47
CA PRO A 224 -9.94 15.44 12.46
C PRO A 224 -9.25 16.49 11.64
N ASP A 225 -8.30 17.21 12.22
CA ASP A 225 -7.65 18.24 11.45
C ASP A 225 -6.46 17.72 10.68
N ASN A 226 -6.05 16.54 10.96
CA ASN A 226 -4.86 16.08 10.36
C ASN A 226 -5.05 14.99 9.35
N PHE A 227 -6.24 14.46 9.18
CA PHE A 227 -6.46 13.35 8.29
C PHE A 227 -7.69 13.57 7.46
N ARG A 228 -7.56 13.38 6.16
CA ARG A 228 -8.66 13.48 5.15
C ARG A 228 -8.76 12.16 4.43
N LEU A 229 -9.97 11.75 4.14
CA LEU A 229 -10.19 10.40 3.63
C LEU A 229 -11.21 10.46 2.47
N ASP A 230 -10.93 9.82 1.33
CA ASP A 230 -11.84 9.79 0.19
C ASP A 230 -11.81 8.43 -0.49
N PHE A 231 -12.97 7.89 -0.73
CA PHE A 231 -13.12 6.59 -1.33
C PHE A 231 -13.61 6.72 -2.74
N ALA A 232 -13.20 5.86 -3.62
CA ALA A 232 -13.67 5.88 -4.98
C ALA A 232 -14.16 4.44 -5.25
N VAL A 233 -15.47 4.17 -4.97
CA VAL A 233 -16.12 2.87 -5.16
C VAL A 233 -16.64 2.70 -6.58
N SER A 234 -15.75 2.19 -7.39
CA SER A 234 -15.88 2.10 -8.82
C SER A 234 -17.17 1.55 -9.39
N ARG A 235 -17.74 0.56 -8.73
CA ARG A 235 -18.90 -0.10 -9.29
C ARG A 235 -20.14 0.37 -8.68
N GLU A 236 -20.03 1.35 -7.81
CA GLU A 236 -21.22 1.77 -7.16
C GLU A 236 -21.42 3.24 -7.26
N GLN A 237 -20.37 3.90 -7.69
CA GLN A 237 -20.37 5.32 -7.76
C GLN A 237 -20.04 5.78 -9.16
N THR A 238 -20.67 6.89 -9.55
CA THR A 238 -20.47 7.52 -10.85
C THR A 238 -20.40 8.98 -10.64
N ASN A 239 -19.64 9.64 -11.47
CA ASN A 239 -19.69 11.08 -11.38
C ASN A 239 -20.94 11.56 -12.18
N GLU A 240 -21.16 12.86 -12.10
CA GLU A 240 -22.22 13.64 -12.76
C GLU A 240 -22.50 13.17 -14.21
N LYS A 241 -21.43 12.96 -14.98
CA LYS A 241 -21.55 12.47 -16.32
C LYS A 241 -21.97 11.02 -16.31
N GLY A 242 -22.05 10.46 -15.11
CA GLY A 242 -22.37 9.05 -14.94
C GLY A 242 -21.15 8.19 -15.28
N GLU A 243 -19.93 8.74 -15.04
CA GLU A 243 -18.68 7.99 -15.26
C GLU A 243 -18.31 7.16 -14.03
N LYS A 244 -17.60 6.08 -14.28
CA LYS A 244 -17.14 5.18 -13.21
C LYS A 244 -16.16 5.86 -12.27
N MET A 245 -16.44 5.75 -10.96
CA MET A 245 -15.63 6.38 -9.91
C MET A 245 -14.24 5.76 -9.60
N TYR A 246 -13.32 5.98 -10.50
CA TYR A 246 -11.97 5.62 -10.29
C TYR A 246 -11.36 6.66 -9.40
N ILE A 247 -10.21 6.31 -8.88
CA ILE A 247 -9.49 7.16 -7.98
C ILE A 247 -9.20 8.50 -8.64
N GLN A 248 -8.80 8.50 -9.90
CA GLN A 248 -8.48 9.73 -10.63
C GLN A 248 -9.77 10.52 -10.82
N THR A 249 -10.87 9.80 -10.89
CA THR A 249 -12.15 10.41 -11.03
C THR A 249 -12.46 11.15 -9.78
N ARG A 250 -12.19 10.54 -8.68
CA ARG A 250 -12.47 11.21 -7.45
C ARG A 250 -11.46 12.37 -7.24
N MET A 251 -10.21 12.20 -7.72
CA MET A 251 -9.19 13.27 -7.55
C MET A 251 -9.57 14.61 -8.18
N ALA A 252 -10.20 14.50 -9.36
CA ALA A 252 -10.53 15.66 -10.15
C ALA A 252 -11.53 16.56 -9.47
N GLN A 253 -12.31 15.92 -8.66
CA GLN A 253 -13.24 16.65 -7.92
C GLN A 253 -12.49 17.56 -6.92
N TYR A 254 -11.17 17.36 -6.73
CA TYR A 254 -10.41 18.20 -5.79
C TYR A 254 -9.23 18.91 -6.42
N ALA A 255 -9.28 18.98 -7.71
CA ALA A 255 -8.24 19.42 -8.58
C ALA A 255 -7.49 20.64 -8.20
N VAL A 256 -8.22 21.66 -7.88
CA VAL A 256 -7.66 22.92 -7.60
C VAL A 256 -6.82 22.83 -6.38
N GLU A 257 -7.41 22.18 -5.38
CA GLU A 257 -6.80 21.97 -4.09
C GLU A 257 -5.49 21.15 -4.10
N LEU A 258 -5.59 20.05 -4.78
CA LEU A 258 -4.47 19.14 -4.92
C LEU A 258 -3.37 19.82 -5.69
N TRP A 259 -3.76 20.53 -6.76
CA TRP A 259 -2.76 21.15 -7.57
C TRP A 259 -1.94 22.15 -6.75
N GLU A 260 -2.66 22.84 -5.88
CA GLU A 260 -2.06 23.83 -5.06
C GLU A 260 -1.12 23.16 -4.08
N MET A 261 -1.59 22.05 -3.51
CA MET A 261 -0.70 21.34 -2.58
C MET A 261 0.57 20.90 -3.24
N LEU A 262 0.46 20.45 -4.48
CA LEU A 262 1.65 20.00 -5.23
C LEU A 262 2.70 21.05 -5.44
N LYS A 263 2.33 22.34 -5.25
CA LYS A 263 3.30 23.39 -5.48
C LYS A 263 4.16 23.68 -4.32
N LYS A 264 3.89 23.01 -3.22
CA LYS A 264 4.67 23.26 -2.00
C LYS A 264 5.77 22.26 -1.74
N ASP A 265 6.86 22.75 -1.26
CA ASP A 265 8.02 21.90 -1.00
C ASP A 265 7.83 20.79 0.05
N ASN A 266 6.87 20.95 1.00
CA ASN A 266 6.60 19.99 2.09
C ASN A 266 5.46 19.03 1.76
N THR A 267 5.13 18.94 0.48
CA THR A 267 4.10 17.97 0.06
C THR A 267 4.77 16.69 -0.56
N TYR A 268 4.32 15.50 -0.11
CA TYR A 268 4.87 14.24 -0.61
C TYR A 268 3.80 13.36 -1.17
N VAL A 269 3.94 12.88 -2.38
CA VAL A 269 2.94 11.97 -2.91
C VAL A 269 3.48 10.54 -2.98
N TYR A 270 2.63 9.62 -2.59
CA TYR A 270 2.94 8.19 -2.62
C TYR A 270 1.87 7.47 -3.39
N MET A 271 2.21 6.55 -4.28
CA MET A 271 1.11 5.91 -5.03
C MET A 271 1.38 4.45 -5.05
N CYS A 272 0.36 3.63 -4.76
CA CYS A 272 0.64 2.22 -4.69
C CYS A 272 -0.55 1.41 -5.16
N GLY A 273 -0.33 0.34 -5.92
CA GLY A 273 -1.45 -0.51 -6.34
C GLY A 273 -1.26 -0.95 -7.81
N LEU A 274 -2.39 -1.03 -8.52
CA LEU A 274 -2.42 -1.39 -9.96
C LEU A 274 -1.66 -0.42 -10.86
N LYS A 275 -0.77 -0.99 -11.63
CA LYS A 275 -0.04 -0.30 -12.66
C LYS A 275 -0.96 0.59 -13.49
N GLY A 276 -2.15 0.13 -13.70
CA GLY A 276 -3.03 0.94 -14.46
C GLY A 276 -3.33 2.30 -13.84
N MET A 277 -3.37 2.43 -12.53
CA MET A 277 -3.75 3.73 -12.00
C MET A 277 -2.79 4.85 -12.40
N GLU A 278 -1.54 4.48 -12.60
CA GLU A 278 -0.54 5.50 -12.90
C GLU A 278 -0.95 6.40 -14.10
N LYS A 279 -1.35 5.75 -15.21
CA LYS A 279 -1.78 6.44 -16.40
C LYS A 279 -2.98 7.36 -16.22
N GLY A 280 -3.97 6.86 -15.52
CA GLY A 280 -5.16 7.63 -15.35
C GLY A 280 -4.85 8.92 -14.65
N ILE A 281 -3.95 8.82 -13.67
CA ILE A 281 -3.59 9.96 -12.88
C ILE A 281 -2.82 10.95 -13.73
N ASP A 282 -1.94 10.42 -14.56
CA ASP A 282 -1.16 11.27 -15.40
C ASP A 282 -2.10 12.04 -16.37
N ASP A 283 -3.12 11.35 -16.88
CA ASP A 283 -4.21 11.90 -17.70
C ASP A 283 -4.90 13.07 -17.05
N ILE A 284 -5.26 12.99 -15.76
CA ILE A 284 -5.75 14.19 -15.09
C ILE A 284 -4.64 15.25 -14.86
N MET A 285 -3.41 14.83 -14.63
CA MET A 285 -2.46 15.87 -14.24
C MET A 285 -2.00 16.73 -15.40
N VAL A 286 -1.86 16.06 -16.55
CA VAL A 286 -1.38 16.72 -17.78
C VAL A 286 -2.19 17.98 -18.04
N SER A 287 -3.50 17.80 -17.92
CA SER A 287 -4.47 18.84 -18.15
C SER A 287 -4.50 19.89 -17.04
N LEU A 288 -4.27 19.44 -15.81
CA LEU A 288 -4.29 20.41 -14.74
C LEU A 288 -3.10 21.36 -14.89
N ALA A 289 -1.99 20.77 -15.17
CA ALA A 289 -0.80 21.60 -15.26
C ALA A 289 -0.83 22.49 -16.49
N ALA A 290 -1.30 21.94 -17.60
CA ALA A 290 -1.20 22.68 -18.85
C ALA A 290 -1.94 23.98 -18.65
N ALA A 291 -2.95 23.91 -17.80
CA ALA A 291 -3.71 25.13 -17.54
C ALA A 291 -2.90 26.20 -16.85
N GLU A 292 -1.83 25.84 -16.22
CA GLU A 292 -1.04 26.85 -15.59
C GLU A 292 0.16 27.04 -16.42
N GLY A 293 0.13 26.43 -17.61
CA GLY A 293 1.29 26.64 -18.44
C GLY A 293 2.47 25.83 -17.97
N ILE A 294 2.20 24.70 -17.34
CA ILE A 294 3.28 23.83 -16.90
C ILE A 294 3.27 22.51 -17.69
N ASP A 295 4.45 21.98 -18.05
CA ASP A 295 4.53 20.69 -18.70
C ASP A 295 4.59 19.58 -17.56
N TRP A 296 3.50 18.80 -17.42
CA TRP A 296 3.41 17.80 -16.36
C TRP A 296 4.55 16.79 -16.36
N ILE A 297 4.97 16.46 -17.54
CA ILE A 297 6.05 15.55 -17.66
C ILE A 297 7.37 16.08 -17.07
N GLU A 298 7.67 17.36 -17.27
CA GLU A 298 8.87 17.89 -16.67
C GLU A 298 8.67 18.12 -15.19
N TYR A 299 7.50 18.59 -14.84
CA TYR A 299 7.19 18.88 -13.46
C TYR A 299 7.30 17.62 -12.62
N LYS A 300 6.65 16.58 -13.09
CA LYS A 300 6.75 15.28 -12.43
C LYS A 300 8.19 14.78 -12.28
N ARG A 301 8.95 14.98 -13.30
CA ARG A 301 10.35 14.58 -13.25
C ARG A 301 11.05 15.36 -12.13
N GLN A 302 10.68 16.62 -11.97
CA GLN A 302 11.29 17.38 -10.92
C GLN A 302 10.85 16.86 -9.56
N LEU A 303 9.55 16.53 -9.46
CA LEU A 303 9.03 16.02 -8.17
C LEU A 303 9.71 14.72 -7.80
N LYS A 304 9.87 13.81 -8.77
CA LYS A 304 10.52 12.51 -8.54
C LYS A 304 11.92 12.70 -7.97
N LYS A 305 12.67 13.60 -8.59
CA LYS A 305 14.01 13.95 -8.16
C LYS A 305 14.06 14.56 -6.75
N ALA A 306 13.05 15.37 -6.37
CA ALA A 306 13.01 15.99 -5.07
C ALA A 306 12.44 15.07 -4.01
N GLU A 307 12.16 13.83 -4.45
CA GLU A 307 11.63 12.80 -3.60
C GLU A 307 10.22 13.07 -3.18
N GLN A 308 9.51 13.84 -4.00
CA GLN A 308 8.16 14.13 -3.65
C GLN A 308 7.10 13.33 -4.36
N TRP A 309 7.49 12.51 -5.29
CA TRP A 309 6.51 11.77 -6.00
C TRP A 309 6.99 10.35 -6.01
N ASN A 310 6.34 9.48 -5.21
CA ASN A 310 6.88 8.15 -4.97
C ASN A 310 5.92 7.04 -5.38
N VAL A 311 6.46 6.08 -6.14
CA VAL A 311 5.59 5.09 -6.77
C VAL A 311 5.97 3.62 -6.65
N GLU A 312 4.94 2.82 -6.41
CA GLU A 312 5.09 1.40 -6.32
C GLU A 312 3.85 0.74 -6.88
N VAL A 313 3.82 0.53 -8.21
CA VAL A 313 2.64 -0.10 -8.84
C VAL A 313 2.99 -1.50 -9.39
N TYR A 314 1.99 -2.38 -9.54
CA TYR A 314 2.34 -3.73 -9.94
C TYR A 314 1.09 -4.42 -10.60
S SO4 B . 7.48 -20.24 -10.12
O1 SO4 B . 7.90 -21.20 -9.04
O2 SO4 B . 7.58 -18.83 -9.56
O3 SO4 B . 8.41 -20.40 -11.29
O4 SO4 B . 6.06 -20.52 -10.52
PA FDA C . 1.34 -16.30 -10.20
O1A FDA C . 2.68 -15.71 -10.19
O2A FDA C . 0.99 -17.77 -10.01
O5B FDA C . 0.47 -15.84 -11.51
C5B FDA C . 0.79 -14.51 -11.95
C4B FDA C . 0.50 -14.50 -13.41
O4B FDA C . -0.94 -14.49 -13.48
C3B FDA C . 0.86 -13.26 -14.22
O3B FDA C . 2.23 -13.08 -14.46
C2B FDA C . -0.03 -13.46 -15.46
O2B FDA C . 0.58 -14.42 -16.35
C1B FDA C . -1.21 -14.17 -14.90
N9A FDA C . -2.46 -13.38 -14.95
C8A FDA C . -2.99 -12.46 -14.02
N7A FDA C . -4.21 -12.05 -14.39
C5A FDA C . -4.43 -12.71 -15.57
C6A FDA C . -5.54 -12.67 -16.51
N6A FDA C . -6.60 -11.95 -16.30
N1A FDA C . -5.39 -13.47 -17.62
C2A FDA C . -4.29 -14.24 -17.85
N3A FDA C . -3.24 -14.31 -17.06
C4A FDA C . -3.37 -13.54 -15.97
N1 FDA C . 0.03 -8.32 -4.20
C2 FDA C . -0.88 -8.35 -3.20
O2 FDA C . -1.87 -9.05 -3.28
N3 FDA C . -0.68 -7.49 -2.10
C4 FDA C . 0.38 -6.68 -1.95
O4 FDA C . 0.56 -6.09 -0.96
C4X FDA C . 1.39 -6.74 -2.99
N5 FDA C . 2.43 -5.94 -2.92
C5X FDA C . 3.27 -5.98 -4.01
C6 FDA C . 4.42 -5.24 -3.95
C7 FDA C . 5.25 -5.21 -5.06
C7M FDA C . 6.47 -4.38 -5.07
C8 FDA C . 5.05 -6.11 -6.12
C8M FDA C . 6.03 -6.13 -7.25
C9 FDA C . 3.98 -6.96 -6.15
C9A FDA C . 3.09 -6.90 -5.08
N10 FDA C . 1.96 -7.63 -5.11
C10 FDA C . 1.08 -7.59 -4.08
C1' FDA C . 1.70 -8.62 -6.18
C2' FDA C . 2.29 -10.04 -5.76
O2' FDA C . 3.72 -9.94 -5.69
C3' FDA C . 1.96 -11.19 -6.73
O3' FDA C . 2.37 -10.88 -8.08
C4' FDA C . 0.48 -11.60 -6.69
O4' FDA C . 0.09 -11.95 -5.34
C5' FDA C . 0.19 -12.79 -7.67
O5' FDA C . 1.18 -13.86 -7.41
P FDA C . 0.71 -15.41 -7.43
O1P FDA C . 2.02 -16.16 -7.17
O2P FDA C . -0.57 -15.69 -6.66
O3P FDA C . 0.46 -15.47 -9.07
P1 A2P D . -12.83 -1.98 -11.46
P1 A2P D . -12.95 -2.00 -11.55
O1P A2P D . -12.53 -1.68 -12.88
O1P A2P D . -12.48 -1.54 -12.96
O2P A2P D . -12.34 -3.34 -11.13
O2P A2P D . -12.53 -3.37 -11.18
O3P A2P D . -14.30 -1.93 -11.24
O3P A2P D . -14.45 -1.83 -11.26
P2 A2P D . -8.82 -5.05 -8.26
P2 A2P D . -9.69 -4.85 -6.21
O4P A2P D . -9.87 -6.10 -8.33
O4P A2P D . -8.39 -5.45 -6.12
O5P A2P D . -7.63 -5.39 -9.05
O5P A2P D . -10.51 -5.32 -5.07
O6P A2P D . -8.47 -4.85 -6.91
O6P A2P D . -10.34 -5.21 -7.48
O5' A2P D . -9.39 -3.60 -8.64
O5' A2P D . -9.53 -3.22 -6.24
C5' A2P D . -8.83 -2.55 -7.73
C5' A2P D . -8.90 -2.58 -7.49
C4' A2P D . -9.69 -1.30 -7.82
C4' A2P D . -9.69 -1.32 -7.77
O4' A2P D . -9.04 -0.35 -8.73
O4' A2P D . -8.95 -0.53 -8.78
C3' A2P D . -11.13 -1.41 -8.32
C3' A2P D . -11.14 -1.41 -8.29
O3' A2P D . -12.01 -0.47 -7.82
O3' A2P D . -11.99 -0.40 -7.77
C2' A2P D . -10.89 -1.30 -9.84
C2' A2P D . -10.87 -1.32 -9.81
O2' A2P D . -12.10 -0.89 -10.51
O2' A2P D . -12.03 -0.88 -10.55
C1' A2P D . -9.97 -0.11 -9.85
C1' A2P D . -9.94 -0.15 -9.80
N9 A2P D . -9.18 0.01 -11.11
N9 A2P D . -9.23 0.02 -11.08
C8 A2P D . -8.95 -0.97 -12.08
C8 A2P D . -8.96 -0.95 -12.03
N7 A2P D . -8.23 -0.50 -13.09
N7 A2P D . -8.21 -0.48 -13.02
C5 A2P D . -8.01 0.82 -12.77
C5 A2P D . -7.95 0.80 -12.69
C6 A2P D . -7.30 1.88 -13.45
C6 A2P D . -7.26 1.81 -13.40
N6 A2P D . -6.69 1.72 -14.60
N6 A2P D . -6.66 1.60 -14.53
N1 A2P D . -7.30 3.07 -12.79
N1 A2P D . -7.26 3.03 -12.79
C2 A2P D . -7.92 3.27 -11.59
C2 A2P D . -7.89 3.27 -11.61
N3 A2P D . -8.58 2.35 -10.92
N3 A2P D . -8.55 2.37 -10.90
C4 A2P D . -8.60 1.17 -11.54
C4 A2P D . -8.57 1.18 -11.49
#